data_4YZN
#
_entry.id   4YZN
#
_cell.length_a   42.400
_cell.length_b   42.400
_cell.length_c   326.900
_cell.angle_alpha   90.00
_cell.angle_beta   90.00
_cell.angle_gamma   90.00
#
_symmetry.space_group_name_H-M   'P 43 21 2'
#
loop_
_entity.id
_entity.type
_entity.pdbx_description
1 polymer 'Probable serine/threonine-protein kinase roco4'
2 non-polymer (4-{[4-(cyclopropylamino)-5-(trifluoromethyl)pyrimidin-2-yl]amino}-2-fluoro-5-methoxyphenyl)(morpholin-4-yl)methanone
3 water water
#
_entity_poly.entity_id   1
_entity_poly.type   'polypeptide(L)'
_entity_poly.pdbx_seq_one_letter_code
;GAMGGSEFPKSRLPTLADNEIEYEKQIGKGGFGLVHKGRLVKDKSVVAIKSLILGDSEGETEMIEKFQEFQREVFIMSNL
NHPNIVKLYGLMHNPPRMVMELVPCGDLYHRLLDKAHPIKWSVKLRLMLDIALGIEYMQNQNPPIVHRDLRSPNILLQSL
DENAPVCAKVADFGLSQQSVHSVSGLLGNFQWMAPETIGAEEESYTEKADTYSFAMILYTILTGEGPFDEYSYGKIKFIN
MIREEGLRPTIPEDCPPRLRNVIELCWSGDPKKRPHFSYIVKELSEL
;
_entity_poly.pdbx_strand_id   A
#
loop_
_chem_comp.id
_chem_comp.type
_chem_comp.name
_chem_comp.formula
4K5 non-polymer (4-{[4-(cyclopropylamino)-5-(trifluoromethyl)pyrimidin-2-yl]amino}-2-fluoro-5-methoxyphenyl)(morpholin-4-yl)methanone 'C20 H21 F4 N5 O3'
#
# COMPACT_ATOMS: atom_id res chain seq x y z
N PRO A 14 11.43 18.79 8.99
CA PRO A 14 10.71 17.96 9.94
C PRO A 14 10.23 18.92 10.91
N THR A 15 10.62 20.16 10.65
CA THR A 15 10.14 21.30 11.40
C THR A 15 9.14 21.95 10.50
N LEU A 16 8.28 22.74 11.09
CA LEU A 16 7.13 23.19 10.43
C LEU A 16 7.58 23.95 9.25
N ALA A 17 6.59 24.22 8.39
CA ALA A 17 6.72 25.00 7.18
C ALA A 17 5.39 25.73 7.00
N ASP A 18 5.15 26.79 7.78
CA ASP A 18 3.87 27.60 7.90
C ASP A 18 3.18 27.93 6.52
N ASN A 19 3.98 28.45 5.62
CA ASN A 19 3.57 29.13 4.45
C ASN A 19 4.78 28.69 3.68
N GLU A 20 5.14 29.39 2.61
CA GLU A 20 6.29 28.93 1.83
C GLU A 20 5.76 27.90 0.82
N ILE A 21 4.48 27.58 0.96
CA ILE A 21 3.85 26.67 0.04
C ILE A 21 2.72 27.33 -0.75
N GLU A 22 2.83 27.48 -2.34
CA GLU A 22 1.61 27.79 -3.08
C GLU A 22 0.76 26.56 -3.48
N TYR A 23 -0.54 26.56 -3.19
CA TYR A 23 -1.46 25.54 -3.59
C TYR A 23 -1.72 25.56 -5.07
N GLU A 24 -1.70 24.41 -5.72
CA GLU A 24 -1.95 24.36 -7.13
C GLU A 24 -3.31 23.75 -7.50
N LYS A 25 -3.66 22.58 -6.96
CA LYS A 25 -4.96 21.97 -7.18
C LYS A 25 -5.28 20.78 -6.24
N GLN A 26 -6.54 20.48 -6.07
CA GLN A 26 -6.91 19.36 -5.26
C GLN A 26 -6.80 18.08 -6.06
N ILE A 27 -6.05 17.12 -5.54
CA ILE A 27 -5.86 15.85 -6.22
C ILE A 27 -6.52 14.64 -5.55
N GLY A 28 -6.95 14.79 -4.33
CA GLY A 28 -7.56 13.69 -3.68
C GLY A 28 -8.21 13.99 -2.38
N LYS A 29 -8.72 12.93 -1.77
CA LYS A 29 -9.32 12.95 -0.47
C LYS A 29 -8.81 11.73 0.27
N GLY A 30 -8.96 11.75 1.57
CA GLY A 30 -8.50 10.68 2.36
C GLY A 30 -9.40 10.47 3.52
N GLY A 31 -8.95 9.61 4.41
CA GLY A 31 -9.64 9.26 5.61
C GLY A 31 -9.80 10.44 6.53
N PHE A 32 -8.85 11.34 6.56
CA PHE A 32 -8.91 12.47 7.48
C PHE A 32 -8.93 13.87 6.93
N GLY A 33 -8.97 14.03 5.62
CA GLY A 33 -8.96 15.35 5.05
C GLY A 33 -8.83 15.33 3.58
N LEU A 34 -8.25 16.37 3.03
CA LEU A 34 -8.06 16.55 1.62
C LEU A 34 -6.61 16.42 1.19
N VAL A 35 -6.35 16.27 -0.10
CA VAL A 35 -5.00 16.21 -0.63
C VAL A 35 -4.85 17.17 -1.83
N HIS A 36 -3.86 18.03 -1.79
CA HIS A 36 -3.61 19.00 -2.84
C HIS A 36 -2.18 18.92 -3.40
N LYS A 37 -2.02 19.30 -4.65
CA LYS A 37 -0.76 19.38 -5.31
C LYS A 37 -0.31 20.83 -5.07
N GLY A 38 0.95 21.04 -4.74
CA GLY A 38 1.53 22.34 -4.47
C GLY A 38 2.95 22.51 -4.92
N ARG A 39 3.45 23.75 -4.84
CA ARG A 39 4.80 24.12 -5.20
C ARG A 39 5.32 24.87 -3.99
N LEU A 40 6.62 24.72 -3.84
CA LEU A 40 7.52 25.45 -2.97
C LEU A 40 8.40 26.44 -3.71
N VAL A 41 8.25 27.64 -3.15
CA VAL A 41 8.82 28.94 -3.51
C VAL A 41 10.32 28.99 -3.46
N LYS A 42 10.90 28.41 -2.44
CA LYS A 42 12.32 28.39 -2.28
C LYS A 42 13.01 27.66 -3.44
N ASP A 43 12.40 26.57 -3.86
CA ASP A 43 12.88 25.69 -4.91
C ASP A 43 11.82 25.69 -5.90
N LYS A 44 10.63 25.88 -5.38
CA LYS A 44 9.52 25.80 -6.25
C LYS A 44 9.29 24.29 -6.52
N SER A 45 10.07 23.40 -5.88
CA SER A 45 9.84 21.97 -6.02
C SER A 45 8.38 21.56 -5.80
N VAL A 46 7.92 20.55 -6.54
CA VAL A 46 6.57 20.08 -6.42
C VAL A 46 6.28 19.30 -5.12
N VAL A 47 5.07 19.38 -4.60
CA VAL A 47 4.67 18.74 -3.35
C VAL A 47 3.18 18.35 -3.20
N ALA A 48 2.86 17.51 -2.23
CA ALA A 48 1.52 17.09 -1.92
C ALA A 48 1.23 17.44 -0.51
N ILE A 49 0.05 17.98 -0.26
CA ILE A 49 -0.32 18.38 1.09
C ILE A 49 -1.55 17.67 1.60
N LYS A 50 -1.43 17.02 2.74
CA LYS A 50 -2.55 16.35 3.33
C LYS A 50 -3.04 17.08 4.54
N SER A 51 -4.28 17.49 4.54
CA SER A 51 -4.86 18.19 5.65
C SER A 51 -5.68 17.34 6.56
N LEU A 52 -5.86 17.80 7.79
CA LEU A 52 -6.69 17.12 8.73
C LEU A 52 -7.88 18.03 8.87
N ILE A 53 -9.05 17.50 8.61
CA ILE A 53 -10.30 18.22 8.69
C ILE A 53 -11.27 17.43 9.52
N LEU A 54 -11.69 17.90 10.73
CA LEU A 54 -12.57 17.29 11.68
C LEU A 54 -14.02 17.70 11.51
N GLU A 60 -16.25 6.29 20.41
CA GLU A 60 -17.17 6.53 19.33
C GLU A 60 -16.59 7.37 18.21
N THR A 61 -16.17 8.55 18.55
CA THR A 61 -15.98 9.55 17.57
C THR A 61 -15.05 9.33 16.33
N GLU A 62 -15.61 9.81 15.25
CA GLU A 62 -15.00 9.88 13.98
C GLU A 62 -13.85 10.77 14.10
N MET A 63 -14.04 11.91 14.77
CA MET A 63 -13.02 12.93 14.86
C MET A 63 -11.73 12.43 15.48
N ILE A 64 -11.87 11.59 16.49
CA ILE A 64 -10.75 10.98 17.16
C ILE A 64 -9.99 10.07 16.20
N GLU A 65 -10.68 9.11 15.55
CA GLU A 65 -10.08 8.40 14.45
C GLU A 65 -9.50 9.42 13.52
N LYS A 66 -9.88 10.28 13.11
CA LYS A 66 -9.14 11.10 12.20
C LYS A 66 -7.86 11.71 12.76
N PHE A 67 -7.89 12.11 13.81
CA PHE A 67 -6.81 12.64 14.56
C PHE A 67 -5.76 11.56 14.73
N GLN A 68 -6.13 10.46 15.26
CA GLN A 68 -5.24 9.36 15.46
C GLN A 68 -4.56 8.95 14.15
N GLU A 69 -5.32 8.89 13.08
CA GLU A 69 -4.78 8.53 11.80
C GLU A 69 -3.76 9.52 11.27
N PHE A 70 -4.04 10.81 11.39
CA PHE A 70 -3.12 11.83 10.92
C PHE A 70 -1.81 11.73 11.71
N GLN A 71 -1.98 11.61 13.00
CA GLN A 71 -0.89 11.53 13.94
C GLN A 71 -0.04 10.31 13.70
N ARG A 72 -0.70 9.19 13.47
CA ARG A 72 -0.03 7.95 13.18
C ARG A 72 0.80 8.04 11.92
N GLU A 73 0.28 8.66 10.87
CA GLU A 73 1.02 8.82 9.67
C GLU A 73 2.28 9.67 9.96
N VAL A 74 2.14 10.72 10.74
CA VAL A 74 3.30 11.52 11.04
C VAL A 74 4.36 10.76 11.83
N PHE A 75 3.95 10.08 12.87
CA PHE A 75 4.86 9.36 13.71
C PHE A 75 5.62 8.28 12.94
N ILE A 76 4.88 7.47 12.19
CA ILE A 76 5.50 6.43 11.39
C ILE A 76 6.37 6.92 10.27
N MET A 77 5.89 7.85 9.50
CA MET A 77 6.62 8.38 8.41
C MET A 77 7.85 9.14 8.85
N SER A 78 7.83 9.60 10.10
CA SER A 78 8.92 10.43 10.62
C SER A 78 10.24 9.74 10.56
N ASN A 79 10.25 8.44 10.72
CA ASN A 79 11.48 7.68 10.70
C ASN A 79 11.86 7.03 9.38
N LEU A 80 11.02 7.10 8.36
CA LEU A 80 11.28 6.41 7.10
C LEU A 80 11.97 7.15 5.98
N ASN A 81 12.87 6.48 5.29
CA ASN A 81 13.54 7.07 4.20
C ASN A 81 13.91 6.01 3.20
N HIS A 82 13.07 5.85 2.19
CA HIS A 82 13.28 4.87 1.18
C HIS A 82 12.62 5.33 -0.12
N PRO A 83 13.25 5.01 -1.23
CA PRO A 83 12.76 5.46 -2.53
C PRO A 83 11.40 4.93 -2.88
N ASN A 84 11.05 3.81 -2.33
CA ASN A 84 9.75 3.20 -2.66
C ASN A 84 8.68 3.38 -1.67
N ILE A 85 8.92 4.32 -0.81
CA ILE A 85 8.02 4.90 0.43
CA ILE A 85 8.02 4.90 0.43
C ILE A 85 7.77 6.53 0.16
N VAL A 86 6.58 7.02 0.10
CA VAL A 86 6.39 8.43 -0.04
C VAL A 86 7.07 9.09 1.15
N LYS A 87 7.80 10.17 0.94
CA LYS A 87 8.51 10.86 2.00
C LYS A 87 7.73 11.97 2.68
N LEU A 88 7.95 12.14 3.85
CA LEU A 88 7.34 13.22 4.58
C LEU A 88 8.38 14.31 4.60
N TYR A 89 8.02 15.51 4.21
CA TYR A 89 8.95 16.62 4.16
C TYR A 89 8.86 17.58 5.33
N GLY A 90 7.65 17.97 5.65
CA GLY A 90 7.44 18.92 6.70
C GLY A 90 6.04 18.87 7.17
N LEU A 91 5.77 19.64 8.20
CA LEU A 91 4.46 19.75 8.76
C LEU A 91 4.07 21.18 8.73
N MET A 92 2.78 21.41 8.69
CA MET A 92 2.21 22.72 8.68
C MET A 92 1.23 22.78 9.77
N HIS A 93 0.97 23.99 10.26
CA HIS A 93 0.09 24.12 11.42
C HIS A 93 -1.25 24.81 11.34
N ASN A 94 -1.56 25.48 10.24
CA ASN A 94 -2.84 26.16 10.17
C ASN A 94 -4.20 25.51 10.26
N PRO A 95 -4.39 24.29 9.57
CA PRO A 95 -5.32 23.27 10.03
C PRO A 95 -5.02 22.06 11.03
N PRO A 96 -3.99 21.22 11.09
CA PRO A 96 -2.71 21.06 10.37
C PRO A 96 -2.49 20.15 9.10
N ARG A 97 -1.23 20.01 8.65
CA ARG A 97 -0.96 19.45 7.38
C ARG A 97 0.36 18.73 7.31
N MET A 98 0.46 17.77 6.40
CA MET A 98 1.67 17.04 6.18
C MET A 98 2.08 17.42 4.80
N VAL A 99 3.34 17.75 4.61
CA VAL A 99 3.85 18.10 3.32
C VAL A 99 4.73 16.93 2.89
N MET A 100 4.32 16.31 1.80
CA MET A 100 4.91 15.10 1.30
C MET A 100 5.29 15.16 -0.14
N GLU A 101 5.93 14.10 -0.53
CA GLU A 101 6.37 13.91 -1.85
C GLU A 101 5.17 13.84 -2.79
N LEU A 102 5.27 14.48 -3.94
CA LEU A 102 4.23 14.46 -4.93
C LEU A 102 4.60 13.38 -5.98
N VAL A 103 3.74 12.38 -6.12
CA VAL A 103 3.95 11.28 -7.05
C VAL A 103 3.04 11.51 -8.24
N PRO A 104 3.61 12.02 -9.31
CA PRO A 104 2.86 12.54 -10.45
C PRO A 104 1.99 11.71 -11.34
N CYS A 105 2.17 10.42 -11.39
CA CYS A 105 1.36 9.61 -12.27
C CYS A 105 0.11 9.03 -11.62
N GLY A 106 -0.16 9.46 -10.42
CA GLY A 106 -1.33 9.03 -9.68
C GLY A 106 -1.26 7.66 -9.04
N ASP A 107 -2.41 7.08 -8.80
CA ASP A 107 -2.50 5.80 -8.15
C ASP A 107 -2.72 4.61 -9.07
N LEU A 108 -2.26 3.46 -8.61
CA LEU A 108 -2.34 2.24 -9.35
C LEU A 108 -3.76 1.80 -9.68
N TYR A 109 -4.67 1.95 -8.75
CA TYR A 109 -6.01 1.49 -8.98
C TYR A 109 -6.59 2.20 -10.20
N HIS A 110 -6.47 3.52 -10.26
CA HIS A 110 -7.00 4.20 -11.43
C HIS A 110 -6.30 3.86 -12.76
N ARG A 111 -5.00 3.68 -12.71
CA ARG A 111 -4.28 3.34 -13.91
C ARG A 111 -4.74 2.01 -14.47
N LEU A 112 -4.95 1.05 -13.58
CA LEU A 112 -5.38 -0.27 -14.02
C LEU A 112 -6.78 -0.27 -14.65
N LEU A 113 -7.59 0.72 -14.31
CA LEU A 113 -8.91 0.80 -14.90
C LEU A 113 -8.85 1.13 -16.40
N ASP A 114 -7.73 1.65 -16.86
CA ASP A 114 -7.62 2.02 -18.27
C ASP A 114 -7.24 0.77 -18.98
N LYS A 115 -8.27 0.00 -19.30
CA LYS A 115 -8.34 -1.46 -19.97
CA LYS A 115 -8.34 -1.47 -19.98
C LYS A 115 -7.67 -1.28 -21.55
N ALA A 116 -7.90 -0.13 -22.16
CA ALA A 116 -7.47 0.09 -23.52
C ALA A 116 -5.96 0.25 -23.66
N HIS A 117 -5.34 0.62 -22.56
CA HIS A 117 -3.91 0.86 -22.47
C HIS A 117 -3.23 0.07 -21.37
N PRO A 118 -3.13 -1.22 -21.63
CA PRO A 118 -2.52 -2.09 -20.63
C PRO A 118 -1.08 -1.70 -20.33
N ILE A 119 -0.71 -1.79 -19.08
CA ILE A 119 0.63 -1.47 -18.70
C ILE A 119 1.47 -2.52 -19.34
N LYS A 120 2.52 -2.06 -20.01
CA LYS A 120 3.71 -2.91 -20.74
CA LYS A 120 3.69 -2.94 -20.75
C LYS A 120 4.27 -4.01 -19.51
N TRP A 121 4.53 -5.20 -19.94
CA TRP A 121 4.96 -6.20 -19.02
C TRP A 121 6.23 -5.78 -18.28
N SER A 122 7.18 -5.20 -18.97
CA SER A 122 8.38 -4.79 -18.31
C SER A 122 8.12 -3.77 -17.19
N VAL A 123 7.16 -2.91 -17.42
CA VAL A 123 6.75 -1.93 -16.44
C VAL A 123 6.01 -2.60 -15.28
N LYS A 124 5.21 -3.59 -15.59
CA LYS A 124 4.50 -4.29 -14.54
C LYS A 124 5.55 -4.89 -13.57
N LEU A 125 6.61 -5.42 -14.12
CA LEU A 125 7.65 -5.99 -13.29
C LEU A 125 8.34 -4.92 -12.41
N ARG A 126 8.54 -3.74 -12.97
CA ARG A 126 9.14 -2.70 -12.19
C ARG A 126 8.26 -2.36 -11.01
N LEU A 127 6.97 -2.31 -11.28
CA LEU A 127 6.02 -1.98 -10.25
C LEU A 127 6.00 -3.02 -9.14
N MET A 128 6.02 -4.28 -9.53
CA MET A 128 6.00 -5.34 -8.55
C MET A 128 7.24 -5.29 -7.66
N LEU A 129 8.38 -5.12 -8.30
CA LEU A 129 9.64 -5.04 -7.56
C LEU A 129 9.75 -3.84 -6.65
N ASP A 130 9.33 -2.71 -7.16
CA ASP A 130 9.39 -1.48 -6.39
C ASP A 130 8.52 -1.60 -5.11
N ILE A 131 7.33 -2.17 -5.25
CA ILE A 131 6.49 -2.32 -4.12
C ILE A 131 7.07 -3.30 -3.12
N ALA A 132 7.64 -4.36 -3.64
CA ALA A 132 8.24 -5.35 -2.76
C ALA A 132 9.41 -4.74 -1.98
N LEU A 133 10.16 -3.89 -2.65
CA LEU A 133 11.28 -3.23 -1.97
C LEU A 133 10.83 -2.33 -0.85
N GLY A 134 9.75 -1.64 -1.05
CA GLY A 134 9.21 -0.80 -0.01
C GLY A 134 8.71 -1.58 1.22
N ILE A 135 7.99 -2.66 0.95
CA ILE A 135 7.51 -3.50 2.00
C ILE A 135 8.66 -4.21 2.73
N GLU A 136 9.67 -4.59 1.97
CA GLU A 136 10.83 -5.24 2.54
C GLU A 136 11.47 -4.25 3.52
N TYR A 137 11.56 -3.00 3.12
CA TYR A 137 12.16 -1.99 3.97
C TYR A 137 11.34 -1.84 5.22
N MET A 138 10.03 -1.75 5.01
CA MET A 138 8.92 -1.62 6.26
CA MET A 138 8.92 -1.62 6.25
C MET A 138 9.29 -2.88 7.33
N GLN A 139 9.36 -4.04 6.72
CA GLN A 139 9.51 -5.25 7.47
C GLN A 139 10.89 -5.39 8.13
N ASN A 140 11.87 -4.68 7.61
CA ASN A 140 13.21 -4.67 8.16
C ASN A 140 13.39 -3.59 9.26
N GLN A 141 12.36 -2.81 9.54
CA GLN A 141 12.44 -1.81 10.60
C GLN A 141 12.37 -2.54 11.92
N ASN A 142 12.86 -1.88 12.96
CA ASN A 142 12.78 -2.44 14.28
C ASN A 142 11.96 -1.53 15.17
N PRO A 143 10.74 -1.89 15.65
CA PRO A 143 10.20 -3.15 15.20
C PRO A 143 9.59 -2.97 13.80
N PRO A 144 9.17 -4.16 13.24
CA PRO A 144 8.59 -4.04 11.88
C PRO A 144 7.31 -3.19 11.81
N ILE A 145 7.08 -2.55 10.67
CA ILE A 145 5.89 -1.80 10.43
C ILE A 145 4.87 -2.69 9.71
N VAL A 146 3.63 -2.64 10.13
CA VAL A 146 2.51 -3.32 9.48
C VAL A 146 1.64 -2.17 8.99
N HIS A 147 1.54 -2.01 7.68
CA HIS A 147 0.77 -0.98 7.02
C HIS A 147 -0.73 -1.08 7.19
N ARG A 148 -1.24 -2.28 7.03
CA ARG A 148 -2.62 -2.60 7.23
C ARG A 148 -3.60 -2.06 6.20
N ASP A 149 -3.12 -1.38 5.19
CA ASP A 149 -3.97 -0.83 4.15
C ASP A 149 -3.33 -0.92 2.77
N LEU A 150 -2.66 -2.03 2.50
CA LEU A 150 -2.02 -2.16 1.22
C LEU A 150 -3.01 -2.66 0.19
N ARG A 151 -3.41 -1.75 -0.67
CA ARG A 151 -4.33 -1.98 -1.73
C ARG A 151 -3.94 -1.01 -2.83
N SER A 152 -4.42 -1.24 -4.03
CA SER A 152 -3.97 -0.46 -5.19
C SER A 152 -4.13 1.07 -5.12
N PRO A 153 -5.17 1.54 -4.44
CA PRO A 153 -5.32 2.99 -4.32
C PRO A 153 -4.20 3.65 -3.55
N ASN A 154 -3.52 2.84 -2.77
CA ASN A 154 -2.45 3.29 -1.90
C ASN A 154 -1.03 3.09 -2.46
N ILE A 155 -0.99 2.69 -3.72
CA ILE A 155 0.26 2.54 -4.41
C ILE A 155 0.27 3.67 -5.41
N LEU A 156 1.22 4.56 -5.30
CA LEU A 156 1.31 5.69 -6.18
C LEU A 156 2.37 5.47 -7.24
N LEU A 157 2.12 5.99 -8.42
CA LEU A 157 3.01 5.85 -9.56
C LEU A 157 3.87 7.08 -9.87
N GLN A 158 5.14 6.96 -9.60
CA GLN A 158 6.11 8.00 -9.92
C GLN A 158 6.34 8.14 -11.41
N SER A 159 6.41 7.01 -12.08
CA SER A 159 6.63 6.97 -13.51
C SER A 159 6.28 5.62 -14.10
N LEU A 160 5.85 5.62 -15.35
CA LEU A 160 5.54 4.41 -16.09
C LEU A 160 6.61 4.09 -17.14
N ASP A 161 7.73 4.75 -17.04
CA ASP A 161 8.88 4.50 -17.92
C ASP A 161 9.66 3.33 -17.33
N GLU A 162 9.87 2.30 -18.11
CA GLU A 162 10.53 1.13 -17.64
C GLU A 162 11.96 1.42 -17.16
N ASN A 163 12.53 2.52 -17.59
CA ASN A 163 13.88 2.89 -17.20
C ASN A 163 13.99 3.94 -16.11
N ALA A 164 12.88 4.36 -15.55
CA ALA A 164 12.90 5.35 -14.52
C ALA A 164 13.60 4.83 -13.28
N PRO A 165 14.16 5.72 -12.46
CA PRO A 165 14.80 5.27 -11.25
C PRO A 165 13.78 4.63 -10.30
N VAL A 166 12.65 5.25 -10.16
CA VAL A 166 11.57 4.77 -9.33
C VAL A 166 10.24 4.82 -10.10
N CYS A 167 9.50 3.73 -10.10
CA CYS A 167 8.21 3.67 -10.73
C CYS A 167 7.03 3.73 -9.75
N ALA A 168 7.18 3.02 -8.64
CA ALA A 168 6.13 2.97 -7.65
C ALA A 168 6.58 3.24 -6.21
N LYS A 169 5.68 3.85 -5.44
CA LYS A 169 5.89 4.16 -4.02
C LYS A 169 4.66 3.80 -3.15
N VAL A 170 4.89 3.30 -1.95
CA VAL A 170 3.84 2.99 -1.02
C VAL A 170 3.43 4.27 -0.29
N ALA A 171 2.14 4.51 -0.17
CA ALA A 171 1.62 5.67 0.46
C ALA A 171 0.65 5.28 1.50
N ASP A 172 0.23 6.29 2.25
CA ASP A 172 -1.07 6.40 3.23
CA ASP A 172 -1.05 6.42 3.22
C ASP A 172 -0.83 5.29 4.51
N PHE A 173 -0.03 5.83 5.42
CA PHE A 173 0.40 5.14 6.60
C PHE A 173 -0.52 5.38 7.82
N GLY A 174 -1.69 5.92 7.55
CA GLY A 174 -2.67 6.25 8.57
C GLY A 174 -3.18 5.13 9.43
N LEU A 175 -3.17 3.91 8.91
CA LEU A 175 -3.66 2.77 9.64
C LEU A 175 -2.58 1.91 10.17
N SER A 176 -1.36 2.33 9.92
CA SER A 176 0.11 1.61 10.09
CA SER A 176 0.07 1.53 10.04
C SER A 176 0.27 1.26 11.74
N GLN A 177 0.99 0.25 12.11
CA GLN A 177 1.40 0.04 13.45
C GLN A 177 2.85 -0.34 13.42
N GLN A 178 3.53 -0.08 14.52
CA GLN A 178 4.91 -0.44 14.62
C GLN A 178 5.06 -0.80 16.05
N SER A 179 4.85 -2.06 16.33
CA SER A 179 4.86 -2.56 17.69
C SER A 179 5.73 -3.76 17.91
N VAL A 180 6.17 -3.93 19.14
CA VAL A 180 6.97 -5.10 19.47
C VAL A 180 6.18 -6.41 19.39
N HIS A 181 4.89 -6.33 19.58
CA HIS A 181 4.08 -7.53 19.54
C HIS A 181 3.03 -7.51 18.44
N SER A 182 2.22 -8.55 18.42
CA SER A 182 1.19 -8.65 17.43
C SER A 182 0.19 -7.56 17.68
N VAL A 183 -0.46 -7.17 16.61
CA VAL A 183 -1.41 -6.17 16.66
C VAL A 183 -2.72 -6.85 16.36
N SER A 184 -3.75 -6.06 16.48
CA SER A 184 -5.07 -6.58 16.32
C SER A 184 -5.91 -5.46 15.83
N GLY A 185 -7.10 -5.78 15.45
CA GLY A 185 -8.02 -4.82 14.92
C GLY A 185 -8.51 -5.34 13.61
N LEU A 186 -9.82 -5.36 13.53
CA LEU A 186 -10.52 -5.82 12.38
C LEU A 186 -10.30 -4.86 11.20
N LEU A 187 -10.02 -5.43 10.05
CA LEU A 187 -9.83 -4.66 8.87
C LEU A 187 -10.94 -4.92 7.87
N GLY A 188 -11.44 -3.85 7.27
CA GLY A 188 -12.45 -3.86 6.22
C GLY A 188 -11.63 -4.02 4.91
N ASN A 189 -12.18 -3.77 3.76
CA ASN A 189 -11.48 -4.01 2.53
C ASN A 189 -11.00 -5.46 2.57
N PHE A 190 -11.91 -6.37 2.84
CA PHE A 190 -11.57 -7.77 2.99
C PHE A 190 -10.97 -8.43 1.76
N GLN A 191 -11.22 -7.87 0.60
CA GLN A 191 -10.66 -8.43 -0.60
C GLN A 191 -9.16 -8.29 -0.63
N TRP A 192 -8.64 -7.44 0.23
CA TRP A 192 -7.20 -7.18 0.22
C TRP A 192 -6.51 -7.65 1.47
N MET A 193 -7.30 -8.06 2.44
CA MET A 193 -6.78 -8.38 3.74
C MET A 193 -6.71 -9.83 4.15
N ALA A 194 -5.69 -10.14 4.94
CA ALA A 194 -5.45 -11.48 5.37
C ALA A 194 -6.59 -12.06 6.21
N PRO A 195 -6.76 -13.37 6.10
CA PRO A 195 -7.87 -14.01 6.78
C PRO A 195 -7.85 -13.79 8.29
N GLU A 196 -6.69 -13.73 8.84
CA GLU A 196 -6.59 -13.54 10.27
C GLU A 196 -6.94 -12.13 10.73
N THR A 197 -7.16 -11.22 9.82
CA THR A 197 -7.48 -9.86 10.17
C THR A 197 -8.91 -9.48 9.93
N ILE A 198 -9.67 -10.33 9.26
CA ILE A 198 -11.01 -10.02 8.85
C ILE A 198 -12.15 -10.74 9.54
N GLY A 199 -11.84 -11.63 10.43
CA GLY A 199 -12.85 -12.39 11.14
C GLY A 199 -13.43 -11.67 12.34
N ALA A 200 -14.67 -12.00 12.68
CA ALA A 200 -15.34 -11.34 13.77
C ALA A 200 -14.60 -11.43 15.09
N GLU A 201 -13.91 -12.52 15.39
CA GLU A 201 -13.17 -12.54 16.62
C GLU A 201 -11.85 -11.81 16.39
N GLU A 202 -11.50 -10.87 17.28
CA GLU A 202 -10.34 -9.98 17.10
C GLU A 202 -9.03 -10.65 17.55
N GLU A 203 -8.60 -11.56 16.69
CA GLU A 203 -7.37 -12.26 16.76
C GLU A 203 -6.18 -11.41 16.32
N SER A 204 -5.01 -11.78 16.76
CA SER A 204 -3.83 -10.95 16.55
C SER A 204 -3.12 -11.38 15.32
N TYR A 205 -2.30 -10.48 14.84
CA TYR A 205 -1.58 -10.70 13.62
C TYR A 205 -0.30 -9.88 13.52
N THR A 206 0.46 -10.07 12.45
CA THR A 206 1.73 -9.44 12.27
C THR A 206 1.97 -8.85 10.87
N GLU A 207 3.20 -8.53 10.58
CA GLU A 207 3.52 -7.93 9.31
C GLU A 207 3.28 -8.93 8.21
N LYS A 208 3.18 -10.21 8.59
CA LYS A 208 2.81 -11.47 7.60
CA LYS A 208 2.80 -11.47 7.60
C LYS A 208 1.31 -11.06 6.85
N ALA A 209 0.52 -10.27 7.57
CA ALA A 209 -0.73 -9.78 7.02
C ALA A 209 -0.49 -8.90 5.82
N ASP A 210 0.53 -8.07 5.88
CA ASP A 210 0.92 -7.22 4.77
C ASP A 210 1.40 -8.06 3.57
N THR A 211 2.08 -9.14 3.85
CA THR A 211 2.60 -10.02 2.82
C THR A 211 1.43 -10.61 2.00
N TYR A 212 0.37 -10.94 2.71
CA TYR A 212 -0.82 -11.43 2.06
C TYR A 212 -1.42 -10.35 1.15
N SER A 213 -1.49 -9.14 1.65
CA SER A 213 -2.01 -8.05 0.87
C SER A 213 -1.18 -7.84 -0.40
N PHE A 214 0.11 -8.02 -0.26
CA PHE A 214 1.01 -7.88 -1.39
C PHE A 214 0.70 -8.91 -2.47
N ALA A 215 0.26 -10.09 -2.08
CA ALA A 215 -0.09 -11.08 -3.08
C ALA A 215 -1.23 -10.54 -3.96
N MET A 216 -2.17 -9.87 -3.31
CA MET A 216 -3.30 -9.34 -3.97
C MET A 216 -2.96 -8.23 -4.87
N ILE A 217 -1.97 -7.45 -4.40
CA ILE A 217 -1.29 -6.22 -5.26
CA ILE A 217 -1.28 -6.21 -5.27
C ILE A 217 -0.61 -6.97 -6.66
N LEU A 218 0.07 -8.07 -6.38
CA LEU A 218 0.69 -8.79 -7.48
C LEU A 218 -0.39 -9.25 -8.44
N TYR A 219 -1.46 -9.76 -7.88
CA TYR A 219 -2.55 -10.24 -8.71
C TYR A 219 -3.20 -9.16 -9.53
N THR A 220 -3.48 -8.03 -8.91
CA THR A 220 -4.09 -6.93 -9.60
C THR A 220 -3.17 -6.38 -10.71
N ILE A 221 -1.88 -6.31 -10.44
CA ILE A 221 -0.99 -5.84 -11.46
C ILE A 221 -0.93 -6.81 -12.62
N LEU A 222 -0.84 -8.08 -12.28
CA LEU A 222 -0.78 -9.06 -13.31
C LEU A 222 -2.02 -9.10 -14.21
N THR A 223 -3.19 -9.09 -13.60
CA THR A 223 -4.41 -9.25 -14.38
C THR A 223 -5.14 -7.97 -14.78
N GLY A 224 -4.81 -6.90 -14.08
CA GLY A 224 -5.42 -5.63 -14.31
C GLY A 224 -6.80 -5.58 -13.73
N GLU A 225 -7.10 -6.63 -12.99
CA GLU A 225 -8.59 -7.04 -12.35
CA GLU A 225 -8.59 -7.04 -12.35
C GLU A 225 -8.51 -6.77 -10.74
N GLY A 226 -9.64 -6.47 -10.16
CA GLY A 226 -9.71 -6.42 -8.74
C GLY A 226 -9.71 -7.82 -8.13
N PRO A 227 -8.95 -7.95 -7.05
CA PRO A 227 -8.92 -9.25 -6.42
C PRO A 227 -10.30 -9.67 -5.89
N PHE A 228 -10.70 -10.89 -6.22
CA PHE A 228 -11.95 -11.52 -5.83
C PHE A 228 -13.13 -11.02 -6.67
N ASP A 229 -12.89 -10.18 -7.64
CA ASP A 229 -13.95 -9.69 -8.49
C ASP A 229 -14.62 -10.81 -9.30
N GLU A 230 -13.99 -11.96 -9.38
CA GLU A 230 -14.56 -13.06 -10.11
C GLU A 230 -15.69 -13.76 -9.34
N TYR A 231 -15.84 -13.41 -8.08
CA TYR A 231 -16.84 -14.03 -7.22
C TYR A 231 -17.84 -13.02 -6.73
N SER A 232 -19.02 -13.54 -6.41
CA SER A 232 -20.02 -12.71 -5.81
C SER A 232 -20.63 -13.47 -4.64
N TYR A 233 -20.45 -12.94 -3.44
CA TYR A 233 -20.99 -13.48 -2.25
C TYR A 233 -21.40 -12.37 -1.29
N GLY A 234 -22.33 -12.66 -0.39
CA GLY A 234 -22.68 -11.73 0.65
C GLY A 234 -21.45 -11.62 1.56
N LYS A 235 -21.39 -10.56 2.33
CA LYS A 235 -20.23 -10.30 3.13
C LYS A 235 -19.82 -11.37 4.09
N ILE A 236 -20.75 -11.92 4.84
CA ILE A 236 -20.42 -12.97 5.78
C ILE A 236 -19.89 -14.23 5.07
N LYS A 237 -20.56 -14.63 4.01
CA LYS A 237 -20.15 -15.79 3.25
C LYS A 237 -18.74 -15.57 2.62
N PHE A 238 -18.52 -14.37 2.11
CA PHE A 238 -17.24 -14.07 1.47
C PHE A 238 -16.12 -14.20 2.50
N ILE A 239 -16.32 -13.59 3.64
CA ILE A 239 -15.32 -13.64 4.67
C ILE A 239 -15.08 -15.07 5.16
N ASN A 240 -16.15 -15.80 5.36
CA ASN A 240 -16.01 -17.17 5.78
C ASN A 240 -15.28 -18.00 4.70
N MET A 241 -15.59 -17.74 3.45
CA MET A 241 -14.93 -18.47 2.37
C MET A 241 -13.41 -18.24 2.32
N ILE A 242 -13.00 -17.01 2.50
CA ILE A 242 -11.60 -16.68 2.48
C ILE A 242 -10.86 -17.40 3.63
N ARG A 243 -11.45 -17.33 4.80
CA ARG A 243 -10.90 -17.95 5.99
C ARG A 243 -11.00 -19.46 6.15
N GLU A 244 -12.20 -19.97 5.91
CA GLU A 244 -12.50 -21.38 6.14
C GLU A 244 -12.56 -22.29 4.91
N GLU A 245 -12.55 -21.72 3.72
CA GLU A 245 -12.56 -22.51 2.52
C GLU A 245 -11.33 -22.20 1.60
N GLY A 246 -10.53 -21.27 2.04
CA GLY A 246 -9.35 -20.92 1.25
C GLY A 246 -9.59 -20.24 -0.09
N LEU A 247 -10.70 -19.55 -0.18
CA LEU A 247 -11.03 -18.87 -1.39
C LEU A 247 -9.96 -17.83 -1.73
N ARG A 248 -9.53 -17.87 -2.98
CA ARG A 248 -8.57 -16.92 -3.50
C ARG A 248 -8.88 -16.63 -4.96
N PRO A 249 -8.38 -15.50 -5.44
CA PRO A 249 -8.52 -15.19 -6.86
C PRO A 249 -7.77 -16.26 -7.68
N THR A 250 -8.29 -16.53 -8.87
CA THR A 250 -7.71 -17.53 -9.76
C THR A 250 -6.57 -16.93 -10.56
N ILE A 251 -5.42 -17.57 -10.46
CA ILE A 251 -4.23 -17.12 -11.19
C ILE A 251 -4.39 -17.65 -12.62
N PRO A 252 -4.23 -16.76 -13.59
CA PRO A 252 -4.40 -17.14 -14.97
C PRO A 252 -3.37 -18.14 -15.40
N GLU A 253 -3.76 -18.93 -16.37
CA GLU A 253 -2.90 -19.95 -16.84
C GLU A 253 -1.60 -19.43 -17.39
N ASP A 254 -1.63 -18.26 -17.95
CA ASP A 254 -0.44 -17.71 -18.56
C ASP A 254 0.56 -17.02 -17.66
N CYS A 255 0.29 -17.06 -16.39
CA CYS A 255 1.18 -16.45 -15.46
C CYS A 255 2.52 -17.22 -15.45
N PRO A 256 3.65 -16.49 -15.43
CA PRO A 256 4.95 -17.13 -15.34
C PRO A 256 5.03 -17.93 -14.06
N PRO A 257 5.60 -19.13 -14.18
CA PRO A 257 5.62 -20.03 -13.03
C PRO A 257 6.23 -19.44 -11.76
N ARG A 258 7.32 -18.69 -11.83
CA ARG A 258 7.92 -18.15 -10.65
C ARG A 258 7.03 -17.10 -9.95
N LEU A 259 6.29 -16.35 -10.73
CA LEU A 259 5.34 -15.40 -10.21
C LEU A 259 4.15 -16.13 -9.56
N ARG A 260 3.66 -17.19 -10.21
CA ARG A 260 2.53 -17.94 -9.65
C ARG A 260 2.95 -18.43 -8.24
N ASN A 261 4.17 -18.95 -8.13
CA ASN A 261 4.64 -19.42 -6.86
C ASN A 261 4.70 -18.33 -5.80
N VAL A 262 5.20 -17.16 -6.15
CA VAL A 262 5.28 -16.09 -5.18
C VAL A 262 3.88 -15.69 -4.71
N ILE A 263 2.94 -15.57 -5.62
CA ILE A 263 1.60 -15.17 -5.25
C ILE A 263 0.97 -16.20 -4.33
N GLU A 264 1.10 -17.46 -4.68
CA GLU A 264 0.54 -18.54 -3.87
C GLU A 264 1.11 -18.60 -2.47
N LEU A 265 2.42 -18.46 -2.33
CA LEU A 265 3.01 -18.51 -1.01
C LEU A 265 2.59 -17.30 -0.19
N CYS A 266 2.58 -16.15 -0.80
CA CYS A 266 2.22 -14.93 -0.11
C CYS A 266 0.80 -14.89 0.41
N TRP A 267 -0.10 -15.57 -0.28
CA TRP A 267 -1.48 -15.56 0.16
C TRP A 267 -1.88 -16.82 0.86
N SER A 268 -0.86 -17.56 1.26
CA SER A 268 -0.96 -18.94 2.22
CA SER A 268 -0.95 -18.92 2.18
C SER A 268 -2.02 -18.45 3.48
N GLY A 269 -2.89 -19.37 3.79
CA GLY A 269 -3.75 -19.17 4.92
C GLY A 269 -2.94 -19.08 6.18
N ASP A 270 -1.88 -19.85 6.25
CA ASP A 270 -1.01 -19.85 7.41
C ASP A 270 0.05 -18.74 7.21
N PRO A 271 0.06 -17.76 8.11
CA PRO A 271 0.98 -16.65 7.94
C PRO A 271 2.42 -17.06 7.98
N LYS A 272 2.70 -18.12 8.70
CA LYS A 272 4.04 -18.61 8.83
C LYS A 272 4.60 -19.07 7.48
N LYS A 273 3.73 -19.44 6.57
CA LYS A 273 4.14 -19.89 5.24
C LYS A 273 4.40 -18.78 4.23
N ARG A 274 3.99 -17.57 4.57
CA ARG A 274 4.21 -16.45 3.72
C ARG A 274 5.69 -16.07 3.86
N PRO A 275 6.35 -15.94 2.73
CA PRO A 275 7.78 -15.70 2.77
C PRO A 275 8.18 -14.35 3.24
N HIS A 276 9.41 -14.35 3.75
CA HIS A 276 10.36 -13.11 4.05
CA HIS A 276 10.39 -13.07 4.03
C HIS A 276 10.58 -12.32 2.49
N PHE A 277 10.61 -11.02 2.56
CA PHE A 277 10.66 -10.20 1.40
C PHE A 277 11.96 -10.31 0.68
N SER A 278 12.97 -10.75 1.43
CA SER A 278 14.48 -11.07 0.75
CA SER A 278 14.47 -11.11 0.77
C SER A 278 14.13 -12.21 -0.52
N TYR A 279 13.36 -13.22 -0.13
CA TYR A 279 12.97 -14.26 -1.06
C TYR A 279 12.06 -13.70 -2.15
N ILE A 280 11.08 -12.92 -1.73
CA ILE A 280 10.14 -12.34 -2.68
C ILE A 280 10.84 -11.43 -3.70
N VAL A 281 11.68 -10.55 -3.21
CA VAL A 281 12.39 -9.65 -4.07
C VAL A 281 13.26 -10.40 -5.03
N LYS A 282 13.99 -11.38 -4.52
CA LYS A 282 15.02 -12.34 -5.39
CA LYS A 282 15.02 -12.34 -5.39
C LYS A 282 14.04 -13.04 -6.60
N GLU A 283 12.93 -13.64 -6.16
CA GLU A 283 12.09 -14.28 -7.14
C GLU A 283 11.52 -13.32 -8.19
N LEU A 284 11.03 -12.18 -7.74
CA LEU A 284 10.48 -11.21 -8.69
C LEU A 284 11.56 -10.72 -9.69
N SER A 285 12.78 -10.61 -9.20
CA SER A 285 13.88 -10.15 -10.03
C SER A 285 14.27 -11.12 -11.13
N GLU A 286 13.77 -12.34 -11.02
CA GLU A 286 14.05 -13.36 -12.00
C GLU A 286 13.04 -13.42 -13.12
N LEU A 287 12.01 -12.62 -13.03
CA LEU A 287 10.99 -12.61 -14.02
C LEU A 287 11.35 -11.82 -15.28
C4 4K5 B . -1.18 11.49 -3.30
C5 4K5 B . 0.05 11.77 -2.58
C6 4K5 B . 1.12 12.17 -3.40
N1 4K5 B . 1.00 12.40 -4.74
N3 4K5 B . -1.23 11.80 -4.62
CAL 4K5 B . -4.35 11.83 -3.96
CAM 4K5 B . -4.80 10.87 -2.90
CBD 4K5 B . -3.40 10.72 -3.53
NAS 4K5 B . -2.25 11.10 -2.63
CBF 4K5 B . 0.20 11.58 -1.21
FAE 4K5 B . 1.40 11.90 -0.68
FAF 4K5 B . -0.67 12.37 -0.46
FAD 4K5 B . -0.08 10.39 -0.74
C2 4K5 B . -0.20 12.22 -5.36
NAR 4K5 B . -0.24 12.50 -6.65
CAY 4K5 B . -1.37 12.45 -7.47
CAZ 4K5 B . -1.29 13.20 -8.66
CAI 4K5 B . -2.29 13.15 -9.65
OAT 4K5 B . -0.15 13.98 -8.78
CAA 4K5 B . -0.01 14.74 -10.08
CAH 4K5 B . -2.48 11.61 -7.31
CAW 4K5 B . -3.49 11.59 -8.29
FAC 4K5 B . -4.54 10.84 -8.06
CBA 4K5 B . -3.44 12.38 -9.45
CAV 4K5 B . -4.38 12.34 -10.51
OAB 4K5 B . -4.10 11.61 -11.47
NBE 4K5 B . -5.49 13.08 -10.56
CAN 4K5 B . -6.36 12.92 -11.80
CAJ 4K5 B . -7.85 13.19 -11.57
OAU 4K5 B . -8.03 14.35 -10.69
CAK 4K5 B . -7.42 14.12 -9.35
CAO 4K5 B . -5.88 14.00 -9.46
#